data_3KBG
#
_entry.id   3KBG
#
_cell.length_a   74.831
_cell.length_b   74.831
_cell.length_c   64.133
_cell.angle_alpha   90.00
_cell.angle_beta   90.00
_cell.angle_gamma   120.00
#
_symmetry.space_group_name_H-M   'P 32 2 1'
#
loop_
_entity.id
_entity.type
_entity.pdbx_description
1 polymer '30S ribosomal protein S4e'
2 water water
#
_entity_poly.entity_id   1
_entity_poly.type   'polypeptide(L)'
_entity_poly.pdbx_seq_one_letter_code
;(MSE)HPKDQSVTLLSIIRDYLKLSDKEREAARILANGLVKVDGKTVREKKFAVGF(MSE)DVIEINGESYRVVYNDQGA
LVL(MSE)KETKERAS(MSE)KLLKVRSKVIAPGNRIQLGTHDGRTFITDDKSIKVGDVLAVSVPD(MSE)KISEIIK
(MSE)QPGNKAYITAGSHVNQTGTISKIEAKEGSSANLVHFQEGFSTIKDHVF(MSE)IGSSKFSFVLSPEEVIPLEHHH
HHH
;
_entity_poly.pdbx_strand_id   A
#
# COMPACT_ATOMS: atom_id res chain seq x y z
N LYS A 4 -10.29 10.68 -4.44
CA LYS A 4 -9.94 10.96 -3.05
C LYS A 4 -8.43 11.17 -2.86
N ASP A 5 -8.04 11.79 -1.76
CA ASP A 5 -6.61 11.99 -1.49
C ASP A 5 -5.90 10.66 -1.32
N GLN A 6 -4.75 10.52 -1.96
CA GLN A 6 -3.96 9.30 -1.84
C GLN A 6 -2.92 9.37 -0.73
N SER A 7 -2.80 10.52 -0.09
CA SER A 7 -2.11 10.53 1.20
C SER A 7 -2.79 11.53 2.10
N VAL A 8 -2.76 11.29 3.41
CA VAL A 8 -3.41 12.22 4.34
C VAL A 8 -2.49 12.43 5.52
N THR A 9 -2.80 13.40 6.37
CA THR A 9 -1.93 13.60 7.53
C THR A 9 -2.08 12.46 8.52
N LEU A 10 -0.99 12.18 9.21
CA LEU A 10 -1.05 11.14 10.24
C LEU A 10 -2.07 11.54 11.32
N LEU A 11 -2.11 12.82 11.69
CA LEU A 11 -3.06 13.26 12.72
C LEU A 11 -4.49 13.00 12.22
N SER A 12 -4.76 13.34 10.96
CA SER A 12 -6.14 13.17 10.45
C SER A 12 -6.63 11.73 10.48
N ILE A 13 -5.78 10.77 10.12
CA ILE A 13 -6.26 9.40 10.01
C ILE A 13 -6.44 8.78 11.39
N ILE A 14 -5.61 9.21 12.33
CA ILE A 14 -5.80 8.74 13.70
C ILE A 14 -7.06 9.38 14.32
N ARG A 15 -7.23 10.67 14.08
CA ARG A 15 -8.42 11.39 14.58
C ARG A 15 -9.72 10.81 14.01
N ASP A 16 -9.71 10.46 12.70
CA ASP A 16 -10.86 9.82 12.04
C ASP A 16 -11.16 8.50 12.75
N TYR A 17 -10.13 7.74 13.05
CA TYR A 17 -10.37 6.44 13.65
C TYR A 17 -10.92 6.58 15.08
N LEU A 18 -10.29 7.47 15.83
CA LEU A 18 -10.62 7.69 17.23
C LEU A 18 -12.02 8.29 17.35
N LYS A 19 -12.46 9.00 16.30
CA LYS A 19 -13.84 9.47 16.26
C LYS A 19 -14.82 8.36 16.53
N LEU A 20 -14.50 7.17 16.03
CA LEU A 20 -15.40 6.05 16.12
C LEU A 20 -15.68 5.61 17.54
N SER A 21 -14.85 6.01 18.49
CA SER A 21 -15.09 5.59 19.86
C SER A 21 -15.23 6.84 20.70
N ASP A 22 -15.51 7.93 20.02
CA ASP A 22 -15.75 9.22 20.67
C ASP A 22 -14.53 9.77 21.36
N LYS A 23 -13.35 9.30 20.95
CA LYS A 23 -12.11 9.66 21.62
C LYS A 23 -11.22 10.57 20.80
N GLU A 24 -11.78 11.22 19.78
CA GLU A 24 -10.96 12.05 18.91
C GLU A 24 -10.25 13.19 19.66
N ARG A 25 -10.80 13.56 20.82
CA ARG A 25 -10.25 14.66 21.57
C ARG A 25 -8.82 14.34 22.04
N GLU A 26 -8.51 13.05 22.13
CA GLU A 26 -7.22 12.54 22.61
C GLU A 26 -6.21 12.30 21.49
N ALA A 27 -6.64 12.41 20.23
CA ALA A 27 -5.75 12.14 19.12
C ALA A 27 -4.44 12.92 19.25
N ALA A 28 -4.53 14.21 19.53
CA ALA A 28 -3.34 15.03 19.54
C ALA A 28 -2.43 14.65 20.72
N ARG A 29 -3.03 14.33 21.86
CA ARG A 29 -2.22 13.93 23.02
C ARG A 29 -1.56 12.56 22.79
N ILE A 30 -2.29 11.62 22.19
CA ILE A 30 -1.71 10.32 21.92
C ILE A 30 -0.48 10.42 20.97
N LEU A 31 -0.63 11.22 19.92
CA LEU A 31 0.50 11.50 19.00
C LEU A 31 1.66 12.13 19.79
N ALA A 32 1.33 13.09 20.65
CA ALA A 32 2.35 13.92 21.33
C ALA A 32 3.16 13.06 22.31
N ASN A 33 2.53 12.02 22.80
CA ASN A 33 3.10 11.16 23.84
C ASN A 33 4.03 10.11 23.25
N GLY A 34 4.28 10.18 21.93
CA GLY A 34 5.25 9.29 21.32
C GLY A 34 4.66 7.90 21.26
N LEU A 35 3.34 7.83 21.32
CA LEU A 35 2.63 6.56 21.33
C LEU A 35 2.18 6.12 19.90
N VAL A 36 2.66 6.83 18.89
CA VAL A 36 2.28 6.50 17.50
C VAL A 36 3.50 6.12 16.69
N LYS A 37 3.39 5.01 15.96
CA LYS A 37 4.47 4.64 15.05
C LYS A 37 3.92 4.47 13.63
N VAL A 38 4.78 4.75 12.68
CA VAL A 38 4.44 4.47 11.29
C VAL A 38 5.53 3.54 10.77
N ASP A 39 5.16 2.40 10.25
CA ASP A 39 6.11 1.41 9.76
C ASP A 39 7.22 1.15 10.81
N GLY A 40 6.80 1.01 12.06
CA GLY A 40 7.70 0.66 13.14
C GLY A 40 8.64 1.75 13.62
N LYS A 41 8.39 3.00 13.23
CA LYS A 41 9.20 4.12 13.67
C LYS A 41 8.30 5.16 14.35
N THR A 42 8.64 5.56 15.58
CA THR A 42 7.86 6.55 16.26
C THR A 42 7.76 7.82 15.39
N VAL A 43 6.54 8.34 15.22
CA VAL A 43 6.34 9.66 14.60
C VAL A 43 5.46 10.55 15.46
N ARG A 44 5.84 11.79 15.67
CA ARG A 44 5.03 12.72 16.47
C ARG A 44 4.59 13.93 15.64
N GLU A 45 5.02 13.97 14.37
CA GLU A 45 4.75 15.10 13.48
C GLU A 45 3.35 14.96 12.86
N LYS A 46 2.45 15.85 13.27
CA LYS A 46 1.08 15.78 12.80
C LYS A 46 0.95 15.89 11.28
N LYS A 47 1.88 16.60 10.63
CA LYS A 47 1.77 16.84 9.17
C LYS A 47 2.38 15.73 8.31
N PHE A 48 2.97 14.73 8.96
CA PHE A 48 3.59 13.61 8.25
C PHE A 48 2.55 12.85 7.43
N ALA A 49 2.81 12.62 6.15
CA ALA A 49 1.74 12.03 5.32
C ALA A 49 1.82 10.52 5.35
N VAL A 50 0.66 9.89 5.41
CA VAL A 50 0.60 8.45 5.33
C VAL A 50 -0.32 8.03 4.22
N GLY A 51 -0.12 6.81 3.75
CA GLY A 51 -0.95 6.29 2.66
C GLY A 51 -1.18 4.81 2.74
N PHE A 52 -1.74 4.26 1.66
CA PHE A 52 -2.06 2.83 1.58
C PHE A 52 -0.92 1.90 2.00
N ASP A 54 0.56 1.52 4.79
CA ASP A 54 1.39 1.94 5.95
C ASP A 54 0.87 1.17 7.20
N VAL A 55 1.78 0.74 8.06
CA VAL A 55 1.35 0.15 9.34
C VAL A 55 1.40 1.26 10.40
N ILE A 56 0.27 1.54 11.04
CA ILE A 56 0.23 2.58 12.04
C ILE A 56 0.00 1.90 13.42
N GLU A 57 0.86 2.18 14.38
CA GLU A 57 0.69 1.60 15.73
C GLU A 57 0.23 2.75 16.62
N ILE A 58 -0.80 2.50 17.43
CA ILE A 58 -1.33 3.52 18.34
C ILE A 58 -1.42 2.83 19.68
N ASN A 59 -0.51 3.18 20.60
CA ASN A 59 -0.62 2.66 21.95
C ASN A 59 -0.37 1.18 22.00
N GLY A 60 0.60 0.72 21.23
CA GLY A 60 0.90 -0.69 21.16
C GLY A 60 -0.06 -1.53 20.35
N GLU A 61 -1.11 -0.92 19.80
CA GLU A 61 -2.03 -1.68 18.92
C GLU A 61 -1.76 -1.36 17.43
N SER A 62 -1.88 -2.35 16.56
CA SER A 62 -1.48 -2.18 15.15
C SER A 62 -2.68 -1.99 14.23
N TYR A 63 -2.54 -1.11 13.24
CA TYR A 63 -3.56 -0.82 12.26
C TYR A 63 -2.87 -0.76 10.90
N ARG A 64 -3.65 -0.99 9.86
CA ARG A 64 -3.18 -0.92 8.47
C ARG A 64 -3.97 0.20 7.79
N VAL A 65 -3.31 1.04 6.98
CA VAL A 65 -4.04 2.04 6.20
C VAL A 65 -4.57 1.33 4.96
N VAL A 66 -5.89 1.37 4.80
CA VAL A 66 -6.55 0.76 3.64
C VAL A 66 -7.53 1.78 3.09
N TYR A 67 -8.34 1.37 2.10
CA TYR A 67 -9.33 2.29 1.56
C TYR A 67 -10.69 1.75 1.98
N ASN A 68 -11.66 2.65 2.09
CA ASN A 68 -13.04 2.24 2.32
C ASN A 68 -13.78 2.20 0.97
N ASP A 69 -15.07 1.85 1.01
CA ASP A 69 -15.83 1.79 -0.24
C ASP A 69 -16.02 3.15 -0.89
N GLN A 70 -15.83 4.24 -0.16
CA GLN A 70 -15.89 5.58 -0.74
C GLN A 70 -14.53 6.05 -1.28
N GLY A 71 -13.50 5.22 -1.16
CA GLY A 71 -12.22 5.57 -1.76
C GLY A 71 -11.33 6.38 -0.82
N ALA A 72 -11.75 6.60 0.43
CA ALA A 72 -10.94 7.41 1.34
C ALA A 72 -9.97 6.50 2.14
N LEU A 73 -8.81 7.04 2.51
CA LEU A 73 -7.92 6.27 3.39
C LEU A 73 -8.48 6.18 4.81
N VAL A 74 -8.44 4.99 5.37
CA VAL A 74 -8.94 4.75 6.73
C VAL A 74 -8.07 3.69 7.38
N LEU A 75 -8.11 3.62 8.72
CA LEU A 75 -7.45 2.52 9.42
C LEU A 75 -8.29 1.27 9.53
N LYS A 77 -8.03 -2.49 11.85
CA LYS A 77 -7.25 -3.23 12.81
C LYS A 77 -6.40 -4.32 12.16
N GLU A 78 -5.16 -4.44 12.60
CA GLU A 78 -4.24 -5.38 11.98
C GLU A 78 -3.67 -6.28 13.07
N THR A 79 -3.40 -7.54 12.74
CA THR A 79 -2.77 -8.43 13.68
C THR A 79 -1.29 -8.11 13.84
N LYS A 80 -0.72 -8.41 15.01
CA LYS A 80 0.69 -8.21 15.26
C LYS A 80 1.54 -8.94 14.21
N GLU A 81 1.10 -10.12 13.83
CA GLU A 81 1.85 -10.93 12.86
C GLU A 81 1.87 -10.29 11.49
N ARG A 82 0.71 -9.89 10.99
CA ARG A 82 0.71 -9.23 9.68
C ARG A 82 1.34 -7.83 9.74
N ALA A 83 1.29 -7.20 10.91
CA ALA A 83 1.90 -5.87 11.06
C ALA A 83 3.40 -5.82 10.82
N SER A 84 4.05 -6.97 10.76
CA SER A 84 5.48 -6.98 10.59
C SER A 84 5.82 -6.98 9.09
N LYS A 86 4.76 -5.34 4.94
CA LYS A 86 4.10 -4.29 4.17
C LYS A 86 4.30 -4.63 2.69
N LEU A 87 3.29 -4.32 1.87
CA LEU A 87 3.46 -4.46 0.39
C LEU A 87 3.73 -3.10 -0.21
N LEU A 88 4.73 -3.04 -1.11
CA LEU A 88 5.11 -1.80 -1.76
C LEU A 88 4.95 -1.99 -3.26
N LYS A 89 4.14 -1.15 -3.88
CA LYS A 89 3.93 -1.27 -5.32
C LYS A 89 5.05 -0.49 -6.00
N VAL A 90 5.63 -1.07 -7.03
CA VAL A 90 6.59 -0.32 -7.85
C VAL A 90 5.80 0.66 -8.72
N ARG A 91 5.93 1.94 -8.45
CA ARG A 91 5.21 3.01 -9.09
C ARG A 91 6.06 3.70 -10.19
N SER A 92 7.38 3.59 -10.10
CA SER A 92 8.24 4.29 -11.05
C SER A 92 9.53 3.54 -11.20
N LYS A 93 10.19 3.72 -12.35
CA LYS A 93 11.48 3.11 -12.55
C LYS A 93 12.31 4.11 -13.30
N VAL A 94 13.61 4.10 -12.98
CA VAL A 94 14.61 4.77 -13.81
C VAL A 94 15.60 3.71 -14.23
N ILE A 95 15.74 3.52 -15.54
CA ILE A 95 16.60 2.45 -16.02
C ILE A 95 17.82 3.04 -16.68
N ALA A 96 18.98 2.82 -16.09
CA ALA A 96 20.24 3.33 -16.64
C ALA A 96 21.01 2.19 -17.22
N PRO A 97 22.19 2.48 -17.83
CA PRO A 97 22.95 1.40 -18.42
C PRO A 97 23.38 0.29 -17.46
N GLY A 98 23.62 -0.89 -18.00
CA GLY A 98 24.04 -2.05 -17.23
C GLY A 98 23.07 -2.51 -16.16
N ASN A 99 21.78 -2.42 -16.46
CA ASN A 99 20.73 -2.87 -15.53
C ASN A 99 20.80 -2.18 -14.18
N ARG A 100 21.28 -0.94 -14.17
CA ARG A 100 21.21 -0.12 -12.97
C ARG A 100 19.81 0.53 -12.89
N ILE A 101 18.95 -0.08 -12.08
CA ILE A 101 17.54 0.30 -12.07
C ILE A 101 17.09 0.80 -10.70
N GLN A 102 16.57 2.02 -10.68
CA GLN A 102 15.94 2.56 -9.47
C GLN A 102 14.46 2.21 -9.46
N LEU A 103 13.98 1.53 -8.40
CA LEU A 103 12.56 1.26 -8.28
C LEU A 103 11.98 2.26 -7.27
N GLY A 104 11.01 3.06 -7.66
CA GLY A 104 10.37 3.98 -6.72
C GLY A 104 9.06 3.32 -6.28
N THR A 105 8.87 3.17 -4.98
CA THR A 105 7.65 2.51 -4.50
C THR A 105 6.59 3.54 -4.08
N HIS A 106 5.36 3.05 -3.93
CA HIS A 106 4.20 3.93 -3.79
C HIS A 106 4.24 4.77 -2.52
N ASP A 107 5.02 4.34 -1.52
CA ASP A 107 5.18 5.08 -0.26
C ASP A 107 6.41 6.02 -0.24
N GLY A 108 7.05 6.15 -1.40
CA GLY A 108 8.14 7.10 -1.61
C GLY A 108 9.53 6.57 -1.37
N ARG A 109 9.63 5.31 -1.02
CA ARG A 109 10.95 4.67 -0.85
C ARG A 109 11.56 4.33 -2.21
N THR A 110 12.88 4.13 -2.23
CA THR A 110 13.58 3.68 -3.43
C THR A 110 14.47 2.48 -3.14
N PHE A 111 14.48 1.56 -4.08
CA PHE A 111 15.38 0.43 -4.00
C PHE A 111 16.15 0.38 -5.32
N ILE A 112 17.38 -0.09 -5.28
CA ILE A 112 18.19 -0.19 -6.49
C ILE A 112 18.38 -1.66 -6.81
N THR A 113 17.96 -2.09 -8.01
CA THR A 113 18.05 -3.50 -8.40
C THR A 113 18.83 -3.65 -9.72
N ASP A 114 19.27 -4.87 -10.02
CA ASP A 114 19.78 -5.17 -11.36
C ASP A 114 18.86 -6.17 -12.10
N ASP A 115 17.71 -6.46 -11.51
CA ASP A 115 16.71 -7.33 -12.15
C ASP A 115 15.81 -6.59 -13.11
N LYS A 116 16.10 -6.67 -14.41
CA LYS A 116 15.32 -5.92 -15.38
C LYS A 116 13.90 -6.48 -15.57
N SER A 117 13.59 -7.65 -15.00
CA SER A 117 12.27 -8.26 -15.14
C SER A 117 11.18 -7.59 -14.30
N ILE A 118 11.58 -6.82 -13.30
CA ILE A 118 10.61 -6.11 -12.45
C ILE A 118 10.01 -4.90 -13.12
N LYS A 119 8.68 -4.83 -13.14
CA LYS A 119 7.96 -3.82 -13.89
C LYS A 119 7.13 -2.93 -12.95
N VAL A 120 6.80 -1.74 -13.44
CA VAL A 120 5.85 -0.85 -12.76
C VAL A 120 4.53 -1.64 -12.62
N GLY A 121 4.03 -1.72 -11.38
CA GLY A 121 2.86 -2.55 -11.14
C GLY A 121 3.17 -3.81 -10.38
N ASP A 122 4.42 -4.30 -10.46
CA ASP A 122 4.78 -5.41 -9.61
C ASP A 122 4.87 -4.92 -8.18
N VAL A 123 4.71 -5.85 -7.22
CA VAL A 123 4.71 -5.49 -5.80
C VAL A 123 5.82 -6.22 -5.04
N LEU A 124 6.48 -5.50 -4.14
CA LEU A 124 7.51 -6.07 -3.25
C LEU A 124 6.88 -6.27 -1.87
N ALA A 125 7.07 -7.46 -1.30
CA ALA A 125 6.64 -7.74 0.09
C ALA A 125 7.87 -7.49 0.92
N VAL A 126 7.77 -6.56 1.85
CA VAL A 126 8.94 -6.18 2.62
C VAL A 126 8.66 -6.37 4.10
N SER A 127 9.75 -6.57 4.85
CA SER A 127 9.63 -6.75 6.30
C SER A 127 9.73 -5.40 6.92
N VAL A 128 8.79 -5.06 7.79
CA VAL A 128 8.83 -3.74 8.42
C VAL A 128 10.00 -3.54 9.42
N PRO A 129 10.28 -4.54 10.26
CA PRO A 129 11.43 -4.42 11.19
C PRO A 129 12.77 -4.11 10.50
N ASP A 130 12.97 -4.51 9.24
CA ASP A 130 14.28 -4.24 8.66
C ASP A 130 14.30 -3.90 7.14
N LYS A 132 13.74 -5.73 4.64
CA LYS A 132 14.16 -6.83 3.77
C LYS A 132 13.03 -7.18 2.77
N ILE A 133 13.35 -7.22 1.47
CA ILE A 133 12.38 -7.64 0.46
C ILE A 133 12.34 -9.16 0.49
N SER A 134 11.16 -9.74 0.71
CA SER A 134 11.06 -11.20 0.79
CA SER A 134 11.03 -11.18 0.83
C SER A 134 10.42 -11.83 -0.45
N GLU A 135 9.54 -11.10 -1.13
CA GLU A 135 8.85 -11.67 -2.27
C GLU A 135 8.59 -10.58 -3.32
N ILE A 136 8.48 -10.98 -4.59
CA ILE A 136 7.88 -10.12 -5.60
C ILE A 136 6.56 -10.73 -6.06
N ILE A 137 5.49 -9.94 -5.97
CA ILE A 137 4.20 -10.33 -6.49
C ILE A 137 3.97 -9.70 -7.86
N LYS A 138 3.96 -10.55 -8.88
CA LYS A 138 3.95 -10.08 -10.26
C LYS A 138 2.57 -9.63 -10.69
N GLN A 140 0.30 -10.04 -13.26
CA GLN A 140 0.12 -10.97 -14.38
C GLN A 140 -1.14 -11.76 -14.13
N PRO A 141 -1.67 -12.39 -15.18
CA PRO A 141 -2.86 -13.23 -14.98
C PRO A 141 -2.66 -14.30 -13.92
N GLY A 142 -3.70 -14.60 -13.15
CA GLY A 142 -3.70 -15.70 -12.19
C GLY A 142 -3.32 -15.21 -10.80
N ASN A 143 -2.81 -13.97 -10.70
CA ASN A 143 -2.51 -13.36 -9.40
C ASN A 143 -3.61 -12.44 -8.93
N LYS A 144 -3.67 -12.19 -7.62
CA LYS A 144 -4.79 -11.49 -7.00
C LYS A 144 -4.40 -10.04 -6.69
N ALA A 145 -5.35 -9.13 -6.81
CA ALA A 145 -5.12 -7.73 -6.57
C ALA A 145 -6.26 -7.14 -5.78
N TYR A 146 -5.97 -5.98 -5.20
CA TYR A 146 -6.86 -5.11 -4.49
C TYR A 146 -6.94 -3.84 -5.27
N ILE A 147 -8.13 -3.25 -5.33
CA ILE A 147 -8.36 -2.03 -6.13
C ILE A 147 -8.30 -0.76 -5.30
N THR A 148 -7.40 0.17 -5.64
CA THR A 148 -7.17 1.33 -4.77
C THR A 148 -7.89 2.61 -5.12
N ALA A 149 -8.55 2.65 -6.28
CA ALA A 149 -9.22 3.88 -6.68
C ALA A 149 -10.26 3.53 -7.73
N GLY A 150 -11.09 4.51 -8.07
CA GLY A 150 -12.11 4.32 -9.08
C GLY A 150 -13.35 3.60 -8.56
N SER A 151 -14.18 3.09 -9.44
CA SER A 151 -15.47 2.61 -8.99
C SER A 151 -15.46 1.27 -8.30
N HIS A 152 -14.42 0.48 -8.52
CA HIS A 152 -14.27 -0.81 -7.88
C HIS A 152 -13.35 -0.74 -6.65
N VAL A 153 -13.09 0.47 -6.14
CA VAL A 153 -12.16 0.63 -4.99
C VAL A 153 -12.59 -0.28 -3.81
N ASN A 154 -11.60 -0.86 -3.13
CA ASN A 154 -11.85 -1.75 -1.98
C ASN A 154 -12.46 -3.11 -2.36
N GLN A 155 -12.35 -3.47 -3.64
CA GLN A 155 -12.68 -4.82 -4.08
C GLN A 155 -11.38 -5.56 -4.34
N THR A 156 -11.45 -6.88 -4.42
CA THR A 156 -10.30 -7.70 -4.81
C THR A 156 -10.72 -8.58 -5.97
N GLY A 157 -9.74 -9.12 -6.69
CA GLY A 157 -10.08 -10.04 -7.79
C GLY A 157 -8.82 -10.70 -8.29
N THR A 158 -8.98 -11.65 -9.20
CA THR A 158 -7.84 -12.39 -9.71
C THR A 158 -7.75 -12.00 -11.17
N ILE A 159 -6.54 -11.62 -11.61
CA ILE A 159 -6.43 -11.13 -12.96
C ILE A 159 -6.67 -12.26 -13.97
N SER A 160 -7.50 -11.95 -14.94
CA SER A 160 -7.76 -12.87 -16.05
C SER A 160 -7.05 -12.48 -17.35
N LYS A 161 -6.92 -11.19 -17.59
CA LYS A 161 -6.16 -10.73 -18.77
C LYS A 161 -5.73 -9.31 -18.66
N ILE A 162 -4.61 -8.97 -19.32
CA ILE A 162 -4.11 -7.61 -19.26
C ILE A 162 -3.89 -7.19 -20.70
N GLU A 163 -4.40 -6.00 -21.03
CA GLU A 163 -4.32 -5.41 -22.36
C GLU A 163 -3.44 -4.16 -22.31
N ALA A 164 -2.45 -4.07 -23.19
CA ALA A 164 -1.53 -2.93 -23.17
C ALA A 164 -1.40 -2.40 -24.59
N LYS A 165 -1.45 -1.09 -24.76
CA LYS A 165 -1.21 -0.49 -26.07
C LYS A 165 -0.30 0.73 -25.92
N GLU A 166 0.24 1.19 -27.04
CA GLU A 166 0.97 2.44 -27.02
C GLU A 166 -0.02 3.57 -27.30
N GLY A 167 0.07 4.66 -26.54
CA GLY A 167 -0.75 5.83 -26.79
C GLY A 167 -2.15 5.81 -26.20
N SER A 168 -2.35 6.60 -25.14
CA SER A 168 -3.63 6.66 -24.42
C SER A 168 -3.98 5.35 -23.74
N ASN A 171 -3.28 -0.25 -20.82
CA ASN A 171 -4.59 0.29 -20.48
C ASN A 171 -5.26 -0.56 -19.39
N LEU A 172 -5.87 -1.67 -19.77
CA LEU A 172 -6.85 -2.36 -18.89
C LEU A 172 -6.41 -3.66 -18.25
N VAL A 173 -6.73 -3.81 -16.96
CA VAL A 173 -6.57 -5.11 -16.32
C VAL A 173 -7.99 -5.69 -16.11
N HIS A 174 -8.20 -6.91 -16.59
CA HIS A 174 -9.47 -7.62 -16.45
C HIS A 174 -9.41 -8.66 -15.36
N PHE A 175 -10.54 -8.90 -14.68
CA PHE A 175 -10.54 -9.83 -13.56
C PHE A 175 -11.57 -10.96 -13.76
N GLN A 176 -11.21 -12.17 -13.27
CA GLN A 176 -12.10 -13.37 -13.28
C GLN A 176 -13.50 -13.02 -12.77
N GLU A 177 -13.52 -12.16 -11.76
CA GLU A 177 -14.75 -11.70 -11.12
C GLU A 177 -15.65 -10.84 -12.03
N GLY A 178 -15.20 -10.56 -13.24
CA GLY A 178 -16.05 -9.89 -14.20
C GLY A 178 -16.05 -8.38 -14.23
N PHE A 179 -14.92 -7.77 -13.93
CA PHE A 179 -14.80 -6.35 -14.14
C PHE A 179 -13.36 -6.04 -14.61
N SER A 180 -13.15 -4.81 -15.00
CA SER A 180 -11.79 -4.34 -15.39
C SER A 180 -11.51 -2.91 -14.91
N THR A 181 -10.23 -2.57 -14.75
CA THR A 181 -9.87 -1.21 -14.39
C THR A 181 -8.53 -0.85 -15.04
N ILE A 182 -8.13 0.41 -15.00
CA ILE A 182 -6.76 0.72 -15.47
C ILE A 182 -5.69 0.24 -14.50
N LYS A 183 -4.47 0.04 -14.99
CA LYS A 183 -3.42 -0.53 -14.18
C LYS A 183 -3.16 0.30 -12.95
N ASP A 184 -3.38 1.60 -13.06
CA ASP A 184 -3.02 2.52 -11.98
C ASP A 184 -3.75 2.15 -10.70
N HIS A 185 -4.94 1.56 -10.85
CA HIS A 185 -5.76 1.27 -9.69
C HIS A 185 -5.55 -0.12 -9.13
N VAL A 186 -4.69 -0.93 -9.75
CA VAL A 186 -4.58 -2.34 -9.41
C VAL A 186 -3.37 -2.55 -8.52
N PHE A 187 -3.59 -3.05 -7.31
CA PHE A 187 -2.46 -3.22 -6.37
C PHE A 187 -2.33 -4.70 -6.09
N ILE A 189 -1.66 -8.29 -4.47
CA ILE A 189 -1.63 -8.73 -3.05
C ILE A 189 -1.43 -10.26 -2.87
N GLY A 190 -1.54 -11.07 -3.93
CA GLY A 190 -1.27 -12.51 -3.78
C GLY A 190 -0.86 -13.25 -5.07
N SER A 191 -0.05 -14.29 -4.90
CA SER A 191 0.33 -15.20 -5.98
C SER A 191 0.14 -16.62 -5.46
N SER A 192 0.56 -17.61 -6.23
CA SER A 192 0.49 -19.00 -5.78
C SER A 192 1.36 -19.23 -4.54
N LYS A 193 2.51 -18.57 -4.49
CA LYS A 193 3.50 -18.83 -3.44
C LYS A 193 3.36 -17.92 -2.22
N PHE A 194 2.63 -16.81 -2.36
CA PHE A 194 2.50 -15.81 -1.29
C PHE A 194 1.22 -14.98 -1.37
N SER A 195 0.53 -14.81 -0.23
CA SER A 195 -0.68 -14.01 -0.19
C SER A 195 -0.78 -13.13 1.03
N PHE A 196 -1.12 -11.86 0.83
CA PHE A 196 -1.27 -10.94 1.94
C PHE A 196 -2.37 -11.45 2.84
N VAL A 197 -3.33 -12.12 2.19
CA VAL A 197 -4.45 -12.77 2.86
C VAL A 197 -4.22 -14.27 2.98
#